data_3M3Q
#
_entry.id   3M3Q
#
_cell.length_a   50.861
_cell.length_b   66.711
_cell.length_c   56.211
_cell.angle_alpha   90.000
_cell.angle_beta   93.180
_cell.angle_gamma   90.000
#
_symmetry.space_group_name_H-M   'P 1 21 1'
#
loop_
_entity.id
_entity.type
_entity.pdbx_description
1 polymer 'Anti-tumor lectin'
2 branched 'beta-D-galactopyranose-(1-3)-2-acetamido-2-deoxy-beta-D-galactopyranose-(1-4)-[N-acetyl-alpha-neuraminic acid-(2-3)]beta-D-galactopyranose-(1-4)-beta-D-glucopyranose'
3 water water
#
_entity_poly.entity_id   1
_entity_poly.type   'polypeptide(L)'
_entity_poly.pdbx_seq_one_letter_code
;MQGVNIYNISAGTSVDLAAPVTTGDIVTFFSSALNLNAGAGNPNNTTLNLFAENGAYLLHIAFRLQENVIIFNSRQPDGP
WLVEQRVSDVANQFAGIDGKAMVTVFDHGDKYQVVINEKTVIQYTKQISGLTSSLSYNATEETSIFSTVVEAVTYTGLA
;
_entity_poly.pdbx_strand_id   A,B
#
loop_
_chem_comp.id
_chem_comp.type
_chem_comp.name
_chem_comp.formula
BGC D-saccharide, beta linking beta-D-glucopyranose 'C6 H12 O6'
GAL D-saccharide, beta linking beta-D-galactopyranose 'C6 H12 O6'
NGA D-saccharide, beta linking 2-acetamido-2-deoxy-beta-D-galactopyranose 'C8 H15 N O6'
SIA D-saccharide, alpha linking 'N-acetyl-alpha-neuraminic acid' 'C11 H19 N O9'
#
# COMPACT_ATOMS: atom_id res chain seq x y z
N MET A 1 15.76 -0.19 -9.05
CA MET A 1 15.44 -1.23 -8.03
C MET A 1 14.05 -1.01 -7.43
N GLN A 2 13.47 -2.08 -6.88
CA GLN A 2 12.15 -2.00 -6.25
C GLN A 2 12.23 -1.11 -5.03
N GLY A 3 11.29 -0.18 -4.90
CA GLY A 3 11.31 0.71 -3.77
C GLY A 3 9.92 1.18 -3.36
N VAL A 4 9.85 1.76 -2.16
CA VAL A 4 8.61 2.29 -1.62
C VAL A 4 8.85 3.75 -1.28
N ASN A 5 7.98 4.63 -1.78
CA ASN A 5 8.10 6.06 -1.49
C ASN A 5 6.77 6.55 -0.92
N ILE A 6 6.84 7.44 0.06
CA ILE A 6 5.63 7.95 0.71
C ILE A 6 5.49 9.45 0.53
N TYR A 7 4.30 9.91 0.13
CA TYR A 7 4.06 11.33 -0.04
C TYR A 7 2.75 11.72 0.67
N ASN A 8 2.75 12.86 1.34
CA ASN A 8 1.53 13.33 1.99
C ASN A 8 1.06 14.51 1.17
N ILE A 9 -0.03 14.33 0.42
CA ILE A 9 -0.55 15.38 -0.44
C ILE A 9 -1.72 16.11 0.21
N SER A 10 -1.53 17.40 0.50
CA SER A 10 -2.61 18.18 1.08
C SER A 10 -3.52 18.53 -0.08
N ALA A 11 -4.83 18.59 0.17
CA ALA A 11 -5.80 18.93 -0.85
C ALA A 11 -5.38 20.17 -1.60
N GLY A 12 -5.47 20.11 -2.93
CA GLY A 12 -5.10 21.26 -3.75
C GLY A 12 -3.63 21.43 -4.07
N THR A 13 -2.80 20.46 -3.71
CA THR A 13 -1.38 20.54 -4.02
C THR A 13 -0.94 19.34 -4.83
N SER A 14 0.31 19.33 -5.27
CA SER A 14 0.84 18.21 -6.04
C SER A 14 2.26 17.94 -5.59
N VAL A 15 2.77 16.75 -5.89
CA VAL A 15 4.12 16.39 -5.52
C VAL A 15 4.87 15.79 -6.70
N ASP A 16 6.15 16.06 -6.79
CA ASP A 16 6.96 15.48 -7.85
C ASP A 16 7.50 14.18 -7.26
N LEU A 17 7.38 13.10 -8.02
CA LEU A 17 7.85 11.81 -7.56
C LEU A 17 9.37 11.72 -7.51
N ALA A 18 9.89 11.02 -6.49
CA ALA A 18 11.32 10.82 -6.34
C ALA A 18 11.67 9.68 -7.30
N ALA A 19 10.71 8.78 -7.49
CA ALA A 19 10.86 7.65 -8.41
C ALA A 19 9.66 7.66 -9.36
N PRO A 20 9.89 7.87 -10.66
CA PRO A 20 8.78 7.88 -11.61
C PRO A 20 8.04 6.56 -11.66
N VAL A 21 6.74 6.63 -11.90
CA VAL A 21 5.91 5.43 -11.99
C VAL A 21 5.75 5.08 -13.45
N THR A 22 6.15 3.86 -13.83
CA THR A 22 6.03 3.42 -15.21
C THR A 22 5.36 2.06 -15.27
N THR A 23 5.33 1.46 -16.46
CA THR A 23 4.70 0.16 -16.67
C THR A 23 5.14 -0.88 -15.64
N GLY A 24 4.16 -1.46 -14.95
CA GLY A 24 4.44 -2.46 -13.93
C GLY A 24 4.47 -1.87 -12.53
N ASP A 25 4.44 -0.55 -12.42
CA ASP A 25 4.48 0.09 -11.10
C ASP A 25 3.08 0.29 -10.52
N ILE A 26 3.02 0.69 -9.26
CA ILE A 26 1.75 0.88 -8.56
C ILE A 26 1.74 2.12 -7.65
N VAL A 27 0.59 2.76 -7.56
CA VAL A 27 0.43 3.92 -6.69
C VAL A 27 -0.90 3.76 -5.98
N THR A 28 -0.90 3.95 -4.65
CA THR A 28 -2.13 3.85 -3.89
C THR A 28 -2.31 5.12 -3.06
N PHE A 29 -3.49 5.72 -3.17
CA PHE A 29 -3.80 6.93 -2.43
C PHE A 29 -4.60 6.49 -1.21
N PHE A 30 -4.18 6.93 -0.02
CA PHE A 30 -4.87 6.60 1.21
C PHE A 30 -5.53 7.82 1.81
N SER A 31 -6.83 7.72 2.09
CA SER A 31 -7.57 8.81 2.70
C SER A 31 -7.97 8.36 4.11
N SER A 32 -7.77 9.22 5.10
CA SER A 32 -8.12 8.88 6.48
C SER A 32 -9.57 9.29 6.77
N ALA A 33 -10.33 9.57 5.73
CA ALA A 33 -11.74 9.95 5.88
C ALA A 33 -12.53 9.62 4.63
N LEU A 34 -13.85 9.51 4.79
CA LEU A 34 -14.73 9.21 3.67
C LEU A 34 -16.09 9.88 3.88
N ASN A 35 -16.33 10.98 3.17
CA ASN A 35 -17.60 11.69 3.28
C ASN A 35 -18.35 11.71 1.96
N LEU A 36 -19.29 10.78 1.82
CA LEU A 36 -20.08 10.66 0.61
C LEU A 36 -21.31 11.59 0.66
N ASN A 37 -21.31 12.48 1.66
CA ASN A 37 -22.39 13.45 1.82
C ASN A 37 -21.77 14.85 1.79
N ALA A 38 -20.60 14.96 1.17
CA ALA A 38 -19.86 16.21 1.07
C ALA A 38 -20.62 17.30 0.32
N GLY A 39 -21.59 16.91 -0.49
CA GLY A 39 -22.34 17.89 -1.25
C GLY A 39 -21.88 17.99 -2.68
N ALA A 40 -22.57 18.82 -3.46
CA ALA A 40 -22.26 19.02 -4.87
C ALA A 40 -20.84 19.57 -5.10
N GLY A 41 -20.12 18.96 -6.04
CA GLY A 41 -18.79 19.43 -6.36
C GLY A 41 -18.87 20.65 -7.25
N ASN A 42 -17.74 21.12 -7.76
CA ASN A 42 -17.75 22.31 -8.61
C ASN A 42 -17.00 22.17 -9.93
N PRO A 43 -17.31 21.13 -10.73
CA PRO A 43 -18.30 20.07 -10.51
C PRO A 43 -17.76 18.91 -9.69
N ASN A 44 -16.44 18.76 -9.67
CA ASN A 44 -15.81 17.66 -8.93
C ASN A 44 -15.68 17.90 -7.43
N ASN A 45 -15.83 16.83 -6.66
CA ASN A 45 -15.68 16.89 -5.20
C ASN A 45 -14.21 16.64 -4.92
N THR A 46 -13.66 15.66 -5.62
CA THR A 46 -12.27 15.28 -5.44
C THR A 46 -11.67 14.73 -6.73
N THR A 47 -10.39 15.01 -6.95
CA THR A 47 -9.71 14.44 -8.12
C THR A 47 -8.33 13.99 -7.66
N LEU A 48 -7.87 12.90 -8.26
CA LEU A 48 -6.55 12.34 -8.00
C LEU A 48 -5.93 12.32 -9.39
N ASN A 49 -4.68 12.74 -9.52
CA ASN A 49 -4.09 12.80 -10.84
C ASN A 49 -2.66 12.27 -11.00
N LEU A 50 -2.38 11.71 -12.16
CA LEU A 50 -1.04 11.23 -12.50
C LEU A 50 -0.61 12.09 -13.68
N PHE A 51 0.43 12.89 -13.48
CA PHE A 51 0.92 13.77 -14.54
C PHE A 51 2.18 13.28 -15.24
N ALA A 52 2.26 13.59 -16.53
CA ALA A 52 3.43 13.24 -17.32
C ALA A 52 4.41 14.36 -17.06
N GLU A 53 5.65 14.18 -17.50
CA GLU A 53 6.70 15.17 -17.32
C GLU A 53 6.35 16.54 -17.89
N ASN A 54 5.61 16.56 -19.00
CA ASN A 54 5.22 17.82 -19.65
C ASN A 54 3.93 18.42 -19.11
N GLY A 55 3.38 17.77 -18.08
CA GLY A 55 2.15 18.28 -17.48
C GLY A 55 0.88 17.65 -17.97
N ALA A 56 0.98 16.76 -18.96
CA ALA A 56 -0.21 16.10 -19.48
C ALA A 56 -0.87 15.25 -18.41
N TYR A 57 -2.20 15.28 -18.38
CA TYR A 57 -2.95 14.45 -17.44
C TYR A 57 -2.96 13.03 -18.03
N LEU A 58 -2.12 12.12 -17.52
CA LEU A 58 -2.10 10.75 -18.01
C LEU A 58 -3.37 10.07 -17.51
N LEU A 59 -3.71 10.33 -16.26
CA LEU A 59 -4.92 9.79 -15.68
C LEU A 59 -5.56 10.80 -14.73
N HIS A 60 -6.80 11.14 -15.03
CA HIS A 60 -7.59 12.08 -14.24
C HIS A 60 -8.73 11.26 -13.64
N ILE A 61 -8.80 11.23 -12.31
CA ILE A 61 -9.84 10.49 -11.61
C ILE A 61 -10.68 11.49 -10.85
N ALA A 62 -11.92 11.71 -11.30
CA ALA A 62 -12.80 12.67 -10.67
C ALA A 62 -14.03 12.05 -10.01
N PHE A 63 -14.19 12.31 -8.71
CA PHE A 63 -15.36 11.83 -7.97
C PHE A 63 -16.36 12.99 -7.97
N ARG A 64 -17.54 12.73 -8.54
CA ARG A 64 -18.55 13.78 -8.66
C ARG A 64 -19.86 13.30 -8.01
N LEU A 65 -20.05 13.67 -6.74
CA LEU A 65 -21.24 13.23 -6.01
C LEU A 65 -22.59 13.65 -6.60
N GLN A 66 -22.73 14.89 -7.03
CA GLN A 66 -24.01 15.33 -7.58
C GLN A 66 -24.41 14.57 -8.85
N GLU A 67 -23.44 14.01 -9.55
CA GLU A 67 -23.74 13.24 -10.75
C GLU A 67 -23.65 11.75 -10.43
N ASN A 68 -23.30 11.46 -9.17
CA ASN A 68 -23.16 10.10 -8.69
C ASN A 68 -22.27 9.29 -9.62
N VAL A 69 -21.08 9.82 -9.90
CA VAL A 69 -20.18 9.12 -10.81
C VAL A 69 -18.69 9.34 -10.51
N ILE A 70 -17.87 8.42 -11.02
CA ILE A 70 -16.42 8.56 -10.92
C ILE A 70 -15.98 8.67 -12.38
N ILE A 71 -15.32 9.77 -12.72
CA ILE A 71 -14.88 9.98 -14.09
C ILE A 71 -13.38 9.79 -14.27
N PHE A 72 -13.02 9.05 -15.32
CA PHE A 72 -11.62 8.81 -15.66
C PHE A 72 -11.40 9.41 -17.04
N ASN A 73 -10.32 10.17 -17.20
CA ASN A 73 -10.04 10.82 -18.48
C ASN A 73 -8.56 11.17 -18.56
N SER A 74 -8.21 11.87 -19.64
CA SER A 74 -6.83 12.32 -19.88
C SER A 74 -6.91 13.54 -20.79
N ARG A 75 -5.78 14.21 -20.97
CA ARG A 75 -5.68 15.37 -21.85
C ARG A 75 -4.28 15.94 -21.81
N GLN A 76 -3.92 16.62 -22.90
CA GLN A 76 -2.63 17.27 -23.03
C GLN A 76 -2.74 18.57 -22.21
N PRO A 77 -1.60 19.14 -21.80
CA PRO A 77 -1.65 20.38 -21.02
C PRO A 77 -2.40 21.53 -21.71
N ASP A 78 -2.31 21.60 -23.04
CA ASP A 78 -3.00 22.66 -23.77
C ASP A 78 -4.13 22.07 -24.59
N GLY A 79 -4.47 20.81 -24.36
CA GLY A 79 -5.53 20.17 -25.12
C GLY A 79 -6.88 20.07 -24.41
N PRO A 80 -7.92 19.62 -25.13
CA PRO A 80 -9.24 19.48 -24.51
C PRO A 80 -9.28 18.18 -23.73
N TRP A 81 -10.26 18.05 -22.84
CA TRP A 81 -10.40 16.82 -22.09
C TRP A 81 -10.79 15.78 -23.14
N LEU A 82 -10.19 14.60 -23.08
CA LEU A 82 -10.52 13.57 -24.06
C LEU A 82 -11.78 12.81 -23.68
N VAL A 83 -11.90 11.55 -24.11
CA VAL A 83 -13.10 10.77 -23.83
C VAL A 83 -13.22 10.26 -22.40
N GLU A 84 -14.30 10.64 -21.73
CA GLU A 84 -14.54 10.23 -20.35
C GLU A 84 -15.01 8.78 -20.27
N GLN A 85 -14.62 8.08 -19.22
CA GLN A 85 -15.06 6.71 -18.96
C GLN A 85 -15.75 6.90 -17.61
N ARG A 86 -17.06 6.69 -17.56
CA ARG A 86 -17.82 6.89 -16.33
C ARG A 86 -18.27 5.65 -15.57
N VAL A 87 -17.96 5.61 -14.28
CA VAL A 87 -18.40 4.52 -13.43
C VAL A 87 -19.48 5.11 -12.52
N SER A 88 -20.69 4.58 -12.60
CA SER A 88 -21.80 5.09 -11.78
C SER A 88 -21.87 4.48 -10.38
N ASP A 89 -22.63 5.15 -9.51
CA ASP A 89 -22.82 4.72 -8.13
C ASP A 89 -21.52 4.78 -7.34
N VAL A 90 -21.19 5.97 -6.85
CA VAL A 90 -19.97 6.19 -6.08
C VAL A 90 -19.96 5.39 -4.77
N ALA A 91 -21.08 5.40 -4.06
CA ALA A 91 -21.20 4.69 -2.78
C ALA A 91 -20.91 3.19 -2.89
N ASN A 92 -21.39 2.56 -3.96
CA ASN A 92 -21.16 1.13 -4.13
C ASN A 92 -19.68 0.79 -4.25
N GLN A 93 -18.92 1.65 -4.92
CA GLN A 93 -17.49 1.39 -5.10
C GLN A 93 -16.74 1.36 -3.77
N PHE A 94 -17.15 2.20 -2.82
CA PHE A 94 -16.48 2.23 -1.51
C PHE A 94 -17.09 1.29 -0.47
N ALA A 95 -18.18 0.64 -0.85
CA ALA A 95 -18.89 -0.27 0.06
C ALA A 95 -18.00 -1.31 0.74
N GLY A 96 -18.25 -1.52 2.02
CA GLY A 96 -17.48 -2.49 2.77
C GLY A 96 -16.55 -1.83 3.78
N ILE A 97 -16.15 -0.58 3.49
CA ILE A 97 -15.25 0.14 4.37
C ILE A 97 -15.74 1.56 4.60
N ASP A 98 -15.87 1.92 5.87
CA ASP A 98 -16.36 3.25 6.25
C ASP A 98 -15.28 4.03 6.99
N GLY A 99 -15.35 5.36 6.94
CA GLY A 99 -14.38 6.18 7.64
C GLY A 99 -13.04 6.38 6.97
N LYS A 100 -12.78 5.64 5.90
CA LYS A 100 -11.51 5.78 5.18
C LYS A 100 -11.60 5.05 3.85
N ALA A 101 -10.56 5.18 3.02
CA ALA A 101 -10.55 4.51 1.74
C ALA A 101 -9.17 4.54 1.11
N MET A 102 -8.97 3.73 0.08
CA MET A 102 -7.71 3.71 -0.65
C MET A 102 -8.04 3.51 -2.12
N VAL A 103 -7.34 4.24 -2.98
CA VAL A 103 -7.52 4.15 -4.42
C VAL A 103 -6.19 3.72 -5.04
N THR A 104 -6.19 2.56 -5.68
CA THR A 104 -4.98 2.02 -6.28
C THR A 104 -4.99 2.13 -7.80
N VAL A 105 -3.84 2.49 -8.37
CA VAL A 105 -3.72 2.60 -9.82
C VAL A 105 -2.56 1.71 -10.27
N PHE A 106 -2.86 0.72 -11.12
CA PHE A 106 -1.84 -0.16 -11.65
C PHE A 106 -1.52 0.36 -13.05
N ASP A 107 -0.25 0.62 -13.33
CA ASP A 107 0.13 1.06 -14.67
C ASP A 107 0.57 -0.21 -15.38
N HIS A 108 -0.26 -0.66 -16.32
CA HIS A 108 0.02 -1.87 -17.09
C HIS A 108 0.54 -1.53 -18.50
N GLY A 109 0.99 -0.30 -18.70
CA GLY A 109 1.50 0.08 -19.99
C GLY A 109 0.43 0.55 -20.97
N ASP A 110 -0.44 -0.36 -21.40
CA ASP A 110 -1.51 0.02 -22.32
C ASP A 110 -2.75 0.48 -21.57
N LYS A 111 -2.82 0.15 -20.28
CA LYS A 111 -3.98 0.54 -19.46
C LYS A 111 -3.59 0.92 -18.04
N TYR A 112 -4.56 1.51 -17.34
CA TYR A 112 -4.42 1.87 -15.94
C TYR A 112 -5.55 1.13 -15.25
N GLN A 113 -5.21 0.21 -14.36
CA GLN A 113 -6.25 -0.50 -13.63
C GLN A 113 -6.49 0.26 -12.32
N VAL A 114 -7.72 0.70 -12.09
CA VAL A 114 -8.01 1.44 -10.87
C VAL A 114 -8.85 0.60 -9.90
N VAL A 115 -8.40 0.51 -8.66
CA VAL A 115 -9.07 -0.28 -7.64
C VAL A 115 -9.42 0.56 -6.40
N ILE A 116 -10.71 0.58 -6.04
CA ILE A 116 -11.16 1.30 -4.86
C ILE A 116 -11.23 0.23 -3.78
N ASN A 117 -10.36 0.35 -2.77
CA ASN A 117 -10.28 -0.65 -1.72
C ASN A 117 -9.87 -1.96 -2.39
N GLU A 118 -10.76 -2.94 -2.45
CA GLU A 118 -10.45 -4.23 -3.09
C GLU A 118 -11.16 -4.37 -4.46
N LYS A 119 -12.07 -3.47 -4.76
CA LYS A 119 -12.84 -3.54 -6.00
C LYS A 119 -12.29 -2.85 -7.23
N THR A 120 -12.02 -3.63 -8.28
CA THR A 120 -11.52 -3.06 -9.53
C THR A 120 -12.70 -2.35 -10.18
N VAL A 121 -12.60 -1.04 -10.34
CA VAL A 121 -13.71 -0.29 -10.95
C VAL A 121 -13.55 -0.04 -12.44
N ILE A 122 -12.34 -0.23 -12.97
CA ILE A 122 -12.14 -0.01 -14.40
C ILE A 122 -10.76 -0.37 -14.93
N GLN A 123 -10.75 -0.85 -16.16
CA GLN A 123 -9.55 -1.20 -16.89
C GLN A 123 -9.52 -0.10 -17.95
N TYR A 124 -9.02 1.06 -17.54
CA TYR A 124 -8.95 2.25 -18.39
C TYR A 124 -7.88 2.18 -19.47
N THR A 125 -8.31 2.03 -20.71
CA THR A 125 -7.39 2.00 -21.84
C THR A 125 -6.87 3.42 -21.91
N LYS A 126 -5.55 3.56 -21.91
CA LYS A 126 -4.93 4.88 -21.95
C LYS A 126 -5.23 5.65 -23.24
N GLN A 127 -5.34 6.96 -23.10
CA GLN A 127 -5.59 7.85 -24.24
C GLN A 127 -4.29 8.59 -24.48
N ILE A 128 -3.40 8.55 -23.49
CA ILE A 128 -2.08 9.18 -23.58
C ILE A 128 -1.10 8.28 -22.83
N SER A 129 0.09 8.09 -23.40
CA SER A 129 1.12 7.23 -22.79
C SER A 129 2.29 8.02 -22.20
N GLY A 130 3.14 7.33 -21.45
CA GLY A 130 4.30 7.99 -20.85
C GLY A 130 4.43 7.70 -19.37
N LEU A 131 5.57 8.09 -18.80
CA LEU A 131 5.83 7.85 -17.38
C LEU A 131 5.21 8.93 -16.50
N THR A 132 4.79 8.54 -15.31
CA THR A 132 4.19 9.48 -14.37
C THR A 132 5.32 10.08 -13.54
N SER A 133 5.44 11.40 -13.56
CA SER A 133 6.49 12.10 -12.84
C SER A 133 5.96 12.95 -11.70
N SER A 134 4.65 13.14 -11.65
CA SER A 134 4.03 13.97 -10.62
C SER A 134 2.64 13.46 -10.27
N LEU A 135 2.14 13.83 -9.10
CA LEU A 135 0.80 13.42 -8.65
C LEU A 135 0.09 14.59 -7.98
N SER A 136 -1.23 14.56 -7.94
CA SER A 136 -1.94 15.63 -7.27
C SER A 136 -3.26 15.13 -6.69
N TYR A 137 -3.75 15.88 -5.72
CA TYR A 137 -5.01 15.62 -5.05
C TYR A 137 -5.64 17.00 -4.97
N ASN A 138 -6.74 17.17 -5.71
CA ASN A 138 -7.41 18.46 -5.75
C ASN A 138 -8.80 18.43 -5.15
N ALA A 139 -9.07 19.39 -4.28
CA ALA A 139 -10.36 19.54 -3.61
C ALA A 139 -10.26 20.71 -2.63
N THR A 140 -11.42 21.18 -2.18
CA THR A 140 -11.48 22.26 -1.20
C THR A 140 -11.73 21.57 0.14
N GLU A 141 -11.57 22.30 1.24
CA GLU A 141 -11.79 21.70 2.55
C GLU A 141 -13.29 21.62 2.82
N GLU A 142 -14.07 22.11 1.86
CA GLU A 142 -15.52 22.10 2.02
C GLU A 142 -16.24 20.89 1.42
N THR A 143 -15.87 20.51 0.20
CA THR A 143 -16.56 19.41 -0.49
C THR A 143 -15.79 18.15 -0.90
N SER A 144 -14.60 17.94 -0.36
CA SER A 144 -13.84 16.75 -0.73
C SER A 144 -14.44 15.51 -0.07
N ILE A 145 -14.35 14.35 -0.74
CA ILE A 145 -14.86 13.13 -0.14
C ILE A 145 -13.75 12.47 0.67
N PHE A 146 -12.55 13.06 0.62
CA PHE A 146 -11.41 12.53 1.35
C PHE A 146 -10.89 13.50 2.40
N SER A 147 -9.99 13.01 3.25
CA SER A 147 -9.41 13.85 4.29
C SER A 147 -8.58 14.97 3.66
N THR A 148 -8.27 15.97 4.46
CA THR A 148 -7.50 17.12 4.02
C THR A 148 -6.16 16.67 3.43
N VAL A 149 -5.52 15.71 4.09
CA VAL A 149 -4.25 15.18 3.58
C VAL A 149 -4.47 13.74 3.10
N VAL A 150 -3.96 13.44 1.91
CA VAL A 150 -4.05 12.11 1.35
C VAL A 150 -2.62 11.62 1.18
N GLU A 151 -2.35 10.40 1.63
CA GLU A 151 -1.01 9.85 1.53
C GLU A 151 -0.90 8.99 0.27
N ALA A 152 0.13 9.23 -0.53
CA ALA A 152 0.34 8.45 -1.73
C ALA A 152 1.54 7.55 -1.53
N VAL A 153 1.35 6.26 -1.76
CA VAL A 153 2.43 5.29 -1.62
C VAL A 153 2.69 4.65 -2.98
N THR A 154 3.92 4.79 -3.47
CA THR A 154 4.27 4.19 -4.75
C THR A 154 5.18 2.99 -4.57
N TYR A 155 5.00 1.99 -5.43
CA TYR A 155 5.84 0.81 -5.45
C TYR A 155 6.38 0.87 -6.87
N THR A 156 7.68 1.11 -7.00
CA THR A 156 8.30 1.26 -8.31
C THR A 156 9.45 0.31 -8.59
N GLY A 157 9.89 0.28 -9.85
CA GLY A 157 10.98 -0.58 -10.28
C GLY A 157 10.61 -2.04 -10.18
N LEU A 158 9.32 -2.32 -10.28
CA LEU A 158 8.82 -3.69 -10.20
C LEU A 158 9.13 -4.55 -11.44
N ALA A 159 8.97 -3.96 -12.62
CA ALA A 159 9.24 -4.67 -13.87
C ALA A 159 10.75 -4.83 -14.05
N MET B 1 -4.99 -12.11 -12.87
CA MET B 1 -5.42 -10.68 -12.94
C MET B 1 -4.87 -9.98 -11.70
N GLN B 2 -4.33 -8.79 -11.88
CA GLN B 2 -3.79 -8.04 -10.75
C GLN B 2 -4.94 -7.73 -9.80
N GLY B 3 -4.67 -7.77 -8.50
CA GLY B 3 -5.71 -7.49 -7.52
C GLY B 3 -5.20 -6.92 -6.21
N VAL B 4 -6.10 -6.34 -5.43
CA VAL B 4 -5.75 -5.77 -4.14
C VAL B 4 -6.66 -6.41 -3.10
N ASN B 5 -6.07 -6.92 -2.03
CA ASN B 5 -6.85 -7.53 -0.96
C ASN B 5 -6.46 -6.85 0.35
N ILE B 6 -7.44 -6.67 1.23
CA ILE B 6 -7.23 -6.02 2.50
C ILE B 6 -7.61 -6.92 3.67
N TYR B 7 -6.72 -7.02 4.66
CA TYR B 7 -6.94 -7.84 5.84
C TYR B 7 -6.67 -7.07 7.15
N ASN B 8 -7.51 -7.27 8.16
CA ASN B 8 -7.32 -6.63 9.45
C ASN B 8 -6.82 -7.71 10.41
N ILE B 9 -5.53 -7.68 10.73
CA ILE B 9 -4.95 -8.69 11.63
C ILE B 9 -4.86 -8.21 13.08
N SER B 10 -5.68 -8.79 13.96
CA SER B 10 -5.62 -8.42 15.36
C SER B 10 -4.39 -9.09 15.96
N ALA B 11 -3.77 -8.43 16.93
CA ALA B 11 -2.58 -8.99 17.56
C ALA B 11 -2.86 -10.39 18.09
N GLY B 12 -1.97 -11.31 17.78
CA GLY B 12 -2.12 -12.68 18.26
C GLY B 12 -2.93 -13.59 17.36
N THR B 13 -3.21 -13.15 16.13
CA THR B 13 -3.98 -13.96 15.20
C THR B 13 -3.36 -14.00 13.81
N SER B 14 -3.90 -14.86 12.96
CA SER B 14 -3.44 -15.01 11.59
C SER B 14 -4.64 -14.91 10.65
N VAL B 15 -4.36 -14.81 9.35
CA VAL B 15 -5.41 -14.75 8.35
C VAL B 15 -4.99 -15.53 7.13
N ASP B 16 -5.97 -16.15 6.47
CA ASP B 16 -5.68 -16.91 5.26
C ASP B 16 -5.96 -15.98 4.09
N LEU B 17 -5.05 -15.96 3.12
CA LEU B 17 -5.19 -15.11 1.95
C LEU B 17 -6.21 -15.62 0.95
N ALA B 18 -6.95 -14.70 0.33
CA ALA B 18 -7.94 -15.07 -0.67
C ALA B 18 -7.19 -15.19 -2.00
N ALA B 19 -6.05 -14.53 -2.07
CA ALA B 19 -5.17 -14.56 -3.24
C ALA B 19 -3.74 -14.73 -2.73
N PRO B 20 -3.10 -15.87 -3.04
CA PRO B 20 -1.74 -16.13 -2.60
C PRO B 20 -0.70 -15.14 -3.11
N VAL B 21 0.36 -14.99 -2.32
CA VAL B 21 1.46 -14.10 -2.65
C VAL B 21 2.58 -14.99 -3.16
N THR B 22 2.99 -14.74 -4.40
CA THR B 22 4.07 -15.51 -5.01
C THR B 22 5.08 -14.54 -5.58
N THR B 23 6.06 -15.07 -6.29
CA THR B 23 7.11 -14.26 -6.90
C THR B 23 6.55 -13.08 -7.68
N GLY B 24 6.99 -11.87 -7.33
CA GLY B 24 6.53 -10.68 -8.01
C GLY B 24 5.41 -9.95 -7.28
N ASP B 25 4.85 -10.58 -6.24
CA ASP B 25 3.77 -9.95 -5.48
C ASP B 25 4.31 -9.13 -4.32
N ILE B 26 3.41 -8.37 -3.68
CA ILE B 26 3.78 -7.48 -2.57
C ILE B 26 2.78 -7.55 -1.41
N VAL B 27 3.30 -7.36 -0.20
CA VAL B 27 2.47 -7.33 0.99
C VAL B 27 3.00 -6.22 1.89
N THR B 28 2.12 -5.32 2.31
CA THR B 28 2.50 -4.23 3.19
C THR B 28 1.62 -4.27 4.43
N PHE B 29 2.28 -4.22 5.59
CA PHE B 29 1.56 -4.21 6.86
C PHE B 29 1.52 -2.76 7.32
N PHE B 30 0.33 -2.28 7.70
CA PHE B 30 0.15 -0.92 8.18
C PHE B 30 -0.25 -0.94 9.65
N SER B 31 0.46 -0.14 10.45
CA SER B 31 0.19 -0.02 11.88
C SER B 31 -0.21 1.43 12.13
N SER B 32 -1.34 1.63 12.79
CA SER B 32 -1.84 2.97 13.06
C SER B 32 -1.23 3.57 14.33
N ALA B 33 -0.13 2.97 14.77
CA ALA B 33 0.58 3.44 15.96
C ALA B 33 2.01 2.93 15.93
N LEU B 34 2.85 3.53 16.75
CA LEU B 34 4.25 3.13 16.83
C LEU B 34 4.77 3.39 18.24
N ASN B 35 5.03 2.32 18.99
CA ASN B 35 5.55 2.49 20.35
C ASN B 35 6.95 1.91 20.48
N LEU B 36 7.94 2.74 20.22
CA LEU B 36 9.33 2.32 20.32
C LEU B 36 9.83 2.38 21.76
N ASN B 37 8.94 2.71 22.69
CA ASN B 37 9.31 2.80 24.10
C ASN B 37 8.67 1.70 24.92
N ALA B 38 8.14 0.69 24.24
CA ALA B 38 7.49 -0.44 24.89
C ALA B 38 8.46 -1.23 25.75
N GLY B 39 7.92 -1.94 26.74
CA GLY B 39 8.75 -2.75 27.62
C GLY B 39 9.46 -3.87 26.86
N ALA B 40 10.14 -4.75 27.60
CA ALA B 40 10.88 -5.85 27.00
C ALA B 40 9.97 -6.92 26.38
N GLY B 41 10.39 -7.46 25.24
CA GLY B 41 9.61 -8.50 24.58
C GLY B 41 9.74 -9.81 25.33
N ASN B 42 9.09 -10.86 24.84
CA ASN B 42 9.16 -12.15 25.52
C ASN B 42 9.57 -13.32 24.62
N PRO B 43 10.71 -13.20 23.90
CA PRO B 43 11.62 -12.06 23.83
C PRO B 43 11.21 -11.02 22.80
N ASN B 44 10.30 -11.41 21.91
CA ASN B 44 9.84 -10.50 20.86
C ASN B 44 8.77 -9.55 21.32
N ASN B 45 8.80 -8.34 20.76
CA ASN B 45 7.81 -7.32 21.03
C ASN B 45 6.70 -7.48 20.00
N THR B 46 7.12 -7.66 18.74
CA THR B 46 6.21 -7.80 17.63
C THR B 46 6.83 -8.68 16.56
N THR B 47 6.02 -9.54 15.94
CA THR B 47 6.52 -10.37 14.84
C THR B 47 5.48 -10.36 13.73
N LEU B 48 5.96 -10.41 12.49
CA LEU B 48 5.09 -10.42 11.31
C LEU B 48 5.49 -11.68 10.56
N ASN B 49 4.52 -12.48 10.14
CA ASN B 49 4.84 -13.73 9.48
C ASN B 49 4.13 -14.02 8.16
N LEU B 50 4.84 -14.68 7.27
CA LEU B 50 4.29 -15.12 5.99
C LEU B 50 4.39 -16.65 6.01
N PHE B 51 3.25 -17.34 5.96
CA PHE B 51 3.23 -18.80 5.99
C PHE B 51 2.97 -19.43 4.62
N ALA B 52 3.61 -20.57 4.37
CA ALA B 52 3.45 -21.29 3.13
C ALA B 52 2.23 -22.20 3.29
N GLU B 53 1.85 -22.86 2.19
CA GLU B 53 0.72 -23.78 2.23
C GLU B 53 1.01 -24.87 3.25
N ASN B 54 2.21 -25.43 3.20
CA ASN B 54 2.58 -26.50 4.13
C ASN B 54 2.80 -26.07 5.60
N GLY B 55 2.45 -24.83 5.93
CA GLY B 55 2.59 -24.38 7.31
C GLY B 55 3.95 -23.82 7.71
N ALA B 56 4.89 -23.80 6.78
CA ALA B 56 6.23 -23.31 7.06
C ALA B 56 6.26 -21.80 7.26
N TYR B 57 7.15 -21.34 8.15
CA TYR B 57 7.32 -19.91 8.36
C TYR B 57 8.27 -19.47 7.24
N LEU B 58 7.71 -18.95 6.15
CA LEU B 58 8.50 -18.52 5.01
C LEU B 58 9.40 -17.37 5.40
N LEU B 59 8.83 -16.42 6.12
CA LEU B 59 9.55 -15.27 6.60
C LEU B 59 9.01 -14.88 7.97
N HIS B 60 9.92 -14.74 8.93
CA HIS B 60 9.56 -14.36 10.28
C HIS B 60 10.33 -13.06 10.56
N ILE B 61 9.58 -11.98 10.79
CA ILE B 61 10.16 -10.68 11.10
C ILE B 61 9.87 -10.39 12.57
N ALA B 62 10.92 -10.38 13.38
CA ALA B 62 10.79 -10.14 14.83
C ALA B 62 11.47 -8.87 15.34
N PHE B 63 10.70 -8.00 15.96
CA PHE B 63 11.25 -6.77 16.51
C PHE B 63 11.49 -6.93 18.02
N ARG B 64 12.75 -6.80 18.44
CA ARG B 64 13.11 -6.90 19.87
C ARG B 64 13.79 -5.62 20.33
N LEU B 65 13.04 -4.78 21.03
CA LEU B 65 13.55 -3.51 21.51
C LEU B 65 14.67 -3.68 22.54
N GLN B 66 14.47 -4.60 23.48
CA GLN B 66 15.46 -4.85 24.53
C GLN B 66 16.82 -5.23 23.96
N GLU B 67 16.82 -5.99 22.87
CA GLU B 67 18.07 -6.41 22.25
C GLU B 67 18.41 -5.44 21.13
N ASN B 68 17.51 -4.48 20.93
CA ASN B 68 17.69 -3.46 19.91
C ASN B 68 18.03 -4.05 18.55
N VAL B 69 17.20 -4.98 18.10
CA VAL B 69 17.44 -5.63 16.83
C VAL B 69 16.17 -6.16 16.17
N ILE B 70 16.22 -6.25 14.85
CA ILE B 70 15.11 -6.80 14.08
C ILE B 70 15.66 -8.11 13.52
N ILE B 71 14.96 -9.20 13.79
CA ILE B 71 15.38 -10.51 13.33
C ILE B 71 14.55 -11.04 12.16
N PHE B 72 15.21 -11.71 11.24
CA PHE B 72 14.57 -12.31 10.08
C PHE B 72 14.95 -13.77 10.07
N ASN B 73 13.96 -14.66 10.04
CA ASN B 73 14.24 -16.08 10.07
C ASN B 73 13.14 -16.88 9.37
N SER B 74 13.32 -18.20 9.34
CA SER B 74 12.38 -19.14 8.75
C SER B 74 12.45 -20.47 9.51
N ARG B 75 11.42 -21.30 9.37
CA ARG B 75 11.41 -22.61 10.01
C ARG B 75 10.24 -23.46 9.55
N GLN B 76 10.38 -24.77 9.62
CA GLN B 76 9.30 -25.66 9.25
C GLN B 76 8.36 -25.61 10.45
N PRO B 77 7.09 -25.98 10.27
CA PRO B 77 6.18 -25.92 11.42
C PRO B 77 6.53 -26.87 12.57
N ASP B 78 7.25 -27.95 12.25
CA ASP B 78 7.63 -28.95 13.25
C ASP B 78 9.14 -29.02 13.40
N GLY B 79 9.84 -28.09 12.78
CA GLY B 79 11.29 -28.07 12.87
C GLY B 79 11.78 -26.87 13.66
N PRO B 80 13.10 -26.75 13.83
CA PRO B 80 13.75 -25.65 14.55
C PRO B 80 13.92 -24.40 13.72
N TRP B 81 14.18 -23.28 14.38
CA TRP B 81 14.42 -22.02 13.71
C TRP B 81 15.74 -22.19 12.96
N LEU B 82 15.83 -21.58 11.79
CA LEU B 82 17.06 -21.70 11.01
C LEU B 82 18.03 -20.57 11.31
N VAL B 83 18.84 -20.19 10.33
CA VAL B 83 19.82 -19.13 10.52
C VAL B 83 19.19 -17.74 10.55
N GLU B 84 19.38 -17.04 11.67
CA GLU B 84 18.86 -15.69 11.85
C GLU B 84 19.70 -14.64 11.12
N GLN B 85 19.04 -13.60 10.64
CA GLN B 85 19.73 -12.46 10.03
C GLN B 85 19.27 -11.33 10.92
N ARG B 86 20.18 -10.40 11.24
CA ARG B 86 19.83 -9.31 12.14
C ARG B 86 20.16 -7.91 11.67
N VAL B 87 19.28 -6.97 12.02
CA VAL B 87 19.49 -5.56 11.69
C VAL B 87 19.48 -4.83 13.03
N SER B 88 20.51 -4.03 13.28
CA SER B 88 20.62 -3.29 14.53
C SER B 88 19.88 -1.96 14.52
N ASP B 89 19.66 -1.41 15.72
CA ASP B 89 18.98 -0.14 15.90
C ASP B 89 17.56 -0.14 15.36
N VAL B 90 16.62 -0.68 16.13
CA VAL B 90 15.23 -0.73 15.71
C VAL B 90 14.60 0.63 15.45
N ALA B 91 14.70 1.52 16.44
CA ALA B 91 14.14 2.86 16.35
C ALA B 91 14.58 3.64 15.13
N ASN B 92 15.85 3.51 14.78
CA ASN B 92 16.38 4.24 13.62
C ASN B 92 15.73 3.84 12.31
N GLN B 93 15.29 2.59 12.21
CA GLN B 93 14.66 2.13 10.98
C GLN B 93 13.32 2.82 10.72
N PHE B 94 12.69 3.33 11.79
CA PHE B 94 11.39 4.01 11.66
C PHE B 94 11.53 5.53 11.68
N ALA B 95 12.77 6.01 11.77
CA ALA B 95 13.02 7.44 11.82
C ALA B 95 12.40 8.17 10.62
N GLY B 96 11.82 9.33 10.90
CA GLY B 96 11.20 10.11 9.85
C GLY B 96 9.69 10.16 9.99
N ILE B 97 9.11 9.07 10.47
CA ILE B 97 7.66 8.99 10.64
C ILE B 97 7.31 8.49 12.03
N ASP B 98 6.32 9.14 12.64
CA ASP B 98 5.89 8.77 13.98
C ASP B 98 4.38 8.61 14.07
N GLY B 99 3.93 7.95 15.14
CA GLY B 99 2.52 7.73 15.32
C GLY B 99 2.02 6.56 14.49
N LYS B 100 2.86 6.07 13.59
CA LYS B 100 2.49 4.95 12.73
C LYS B 100 3.70 4.43 11.98
N ALA B 101 3.50 3.35 11.23
CA ALA B 101 4.58 2.73 10.47
C ALA B 101 4.04 1.84 9.37
N MET B 102 4.95 1.44 8.50
CA MET B 102 4.61 0.61 7.35
C MET B 102 5.75 -0.37 7.11
N VAL B 103 5.42 -1.65 6.94
CA VAL B 103 6.42 -2.68 6.67
C VAL B 103 6.04 -3.42 5.39
N THR B 104 6.92 -3.34 4.39
CA THR B 104 6.68 -3.96 3.09
C THR B 104 7.59 -5.15 2.79
N VAL B 105 7.00 -6.18 2.20
CA VAL B 105 7.76 -7.35 1.81
C VAL B 105 7.52 -7.64 0.34
N PHE B 106 8.60 -7.72 -0.44
CA PHE B 106 8.52 -8.03 -1.85
C PHE B 106 8.98 -9.48 -1.98
N ASP B 107 8.24 -10.31 -2.69
CA ASP B 107 8.63 -11.70 -2.88
C ASP B 107 9.35 -11.72 -4.22
N HIS B 108 10.68 -11.76 -4.19
CA HIS B 108 11.46 -11.76 -5.42
C HIS B 108 11.87 -13.15 -5.86
N GLY B 109 11.21 -14.17 -5.33
CA GLY B 109 11.53 -15.54 -5.72
C GLY B 109 12.59 -16.23 -4.88
N ASP B 110 13.83 -15.78 -5.00
CA ASP B 110 14.91 -16.38 -4.25
C ASP B 110 15.21 -15.54 -3.01
N LYS B 111 14.49 -14.43 -2.86
CA LYS B 111 14.68 -13.55 -1.71
C LYS B 111 13.41 -12.77 -1.34
N TYR B 112 13.41 -12.23 -0.12
CA TYR B 112 12.33 -11.40 0.37
C TYR B 112 12.98 -10.04 0.66
N GLN B 113 12.44 -8.98 0.08
CA GLN B 113 12.97 -7.65 0.33
C GLN B 113 12.06 -6.99 1.35
N VAL B 114 12.60 -6.61 2.50
CA VAL B 114 11.81 -5.98 3.54
C VAL B 114 12.14 -4.50 3.62
N VAL B 115 11.10 -3.68 3.62
CA VAL B 115 11.24 -2.22 3.66
C VAL B 115 10.42 -1.62 4.80
N ILE B 116 11.08 -0.84 5.64
CA ILE B 116 10.40 -0.17 6.77
C ILE B 116 10.13 1.23 6.24
N ASN B 117 8.86 1.55 6.00
CA ASN B 117 8.49 2.84 5.44
C ASN B 117 9.14 2.95 4.05
N GLU B 118 10.19 3.75 3.89
CA GLU B 118 10.84 3.88 2.58
C GLU B 118 12.21 3.20 2.56
N LYS B 119 12.66 2.73 3.72
CA LYS B 119 13.98 2.10 3.83
C LYS B 119 14.08 0.58 3.74
N THR B 120 14.83 0.10 2.75
CA THR B 120 15.03 -1.33 2.59
C THR B 120 16.05 -1.72 3.66
N VAL B 121 15.62 -2.48 4.66
CA VAL B 121 16.54 -2.86 5.72
C VAL B 121 17.24 -4.17 5.45
N ILE B 122 16.75 -4.93 4.46
CA ILE B 122 17.39 -6.20 4.15
C ILE B 122 16.85 -6.92 2.91
N GLN B 123 17.76 -7.58 2.21
CA GLN B 123 17.42 -8.42 1.07
C GLN B 123 17.72 -9.78 1.68
N TYR B 124 16.68 -10.43 2.21
CA TYR B 124 16.81 -11.73 2.87
C TYR B 124 16.73 -12.92 1.93
N THR B 125 17.84 -13.65 1.82
CA THR B 125 17.90 -14.84 1.00
C THR B 125 17.00 -15.88 1.67
N LYS B 126 16.06 -16.42 0.91
CA LYS B 126 15.13 -17.39 1.46
C LYS B 126 15.80 -18.66 1.96
N GLN B 127 15.29 -19.19 3.07
CA GLN B 127 15.82 -20.43 3.64
C GLN B 127 14.78 -21.51 3.29
N ILE B 128 13.55 -21.06 3.08
CA ILE B 128 12.44 -21.92 2.68
C ILE B 128 11.70 -21.20 1.54
N SER B 129 11.35 -21.96 0.51
CA SER B 129 10.67 -21.40 -0.67
C SER B 129 9.20 -21.77 -0.76
N GLY B 130 8.51 -21.13 -1.69
CA GLY B 130 7.09 -21.41 -1.87
C GLY B 130 6.26 -20.15 -1.81
N LEU B 131 4.96 -20.29 -2.06
CA LEU B 131 4.10 -19.13 -2.02
C LEU B 131 3.41 -18.97 -0.67
N THR B 132 3.13 -17.73 -0.31
CA THR B 132 2.50 -17.40 0.96
C THR B 132 1.00 -17.54 0.89
N SER B 133 0.44 -18.31 1.83
CA SER B 133 -1.00 -18.56 1.89
C SER B 133 -1.64 -17.96 3.12
N SER B 134 -0.82 -17.61 4.12
CA SER B 134 -1.32 -17.03 5.36
C SER B 134 -0.37 -16.00 5.95
N LEU B 135 -0.89 -15.15 6.81
CA LEU B 135 -0.12 -14.10 7.47
C LEU B 135 -0.53 -14.04 8.93
N SER B 136 0.34 -13.52 9.79
CA SER B 136 0.00 -13.34 11.19
C SER B 136 0.81 -12.20 11.78
N TYR B 137 0.28 -11.64 12.85
CA TYR B 137 0.91 -10.55 13.58
C TYR B 137 0.75 -11.01 15.03
N ASN B 138 1.88 -11.26 15.67
CA ASN B 138 1.88 -11.73 17.04
C ASN B 138 2.50 -10.71 17.98
N ALA B 139 1.87 -10.53 19.14
CA ALA B 139 2.33 -9.59 20.16
C ALA B 139 1.31 -9.55 21.29
N THR B 140 1.73 -9.06 22.45
CA THR B 140 0.84 -8.94 23.59
C THR B 140 0.18 -7.56 23.51
N GLU B 141 -0.76 -7.30 24.41
CA GLU B 141 -1.45 -6.02 24.43
C GLU B 141 -0.64 -4.92 25.10
N GLU B 142 0.40 -5.32 25.84
CA GLU B 142 1.24 -4.36 26.56
C GLU B 142 2.60 -4.04 25.96
N THR B 143 3.17 -4.95 25.17
CA THR B 143 4.50 -4.68 24.64
C THR B 143 4.70 -4.68 23.13
N SER B 144 3.63 -4.46 22.37
CA SER B 144 3.78 -4.44 20.92
C SER B 144 4.24 -3.06 20.48
N ILE B 145 5.00 -2.99 19.38
CA ILE B 145 5.44 -1.70 18.88
C ILE B 145 4.38 -1.14 17.93
N PHE B 146 3.48 -2.01 17.49
CA PHE B 146 2.41 -1.60 16.58
C PHE B 146 1.05 -1.58 17.25
N SER B 147 0.05 -1.05 16.55
CA SER B 147 -1.31 -0.96 17.06
C SER B 147 -1.92 -2.33 17.33
N THR B 148 -3.07 -2.35 17.99
CA THR B 148 -3.75 -3.61 18.33
C THR B 148 -4.18 -4.36 17.07
N VAL B 149 -4.54 -3.62 16.04
CA VAL B 149 -4.93 -4.23 14.77
C VAL B 149 -3.96 -3.75 13.71
N VAL B 150 -3.37 -4.68 12.98
CA VAL B 150 -2.44 -4.35 11.92
C VAL B 150 -3.12 -4.69 10.61
N GLU B 151 -3.15 -3.73 9.70
CA GLU B 151 -3.79 -3.96 8.42
C GLU B 151 -2.77 -4.41 7.40
N ALA B 152 -3.12 -5.45 6.65
CA ALA B 152 -2.24 -5.98 5.63
C ALA B 152 -2.88 -5.84 4.25
N VAL B 153 -2.14 -5.27 3.32
CA VAL B 153 -2.62 -5.09 1.97
C VAL B 153 -1.72 -5.87 1.02
N THR B 154 -2.32 -6.70 0.18
CA THR B 154 -1.55 -7.47 -0.78
C THR B 154 -1.86 -7.04 -2.22
N TYR B 155 -0.81 -7.02 -3.04
CA TYR B 155 -0.94 -6.69 -4.45
C TYR B 155 -0.48 -7.97 -5.12
N THR B 156 -1.40 -8.67 -5.74
CA THR B 156 -1.09 -9.96 -6.36
C THR B 156 -1.37 -10.05 -7.86
N GLY B 157 -0.83 -11.09 -8.48
CA GLY B 157 -1.01 -11.30 -9.91
C GLY B 157 -0.15 -10.30 -10.69
N LEU B 158 0.87 -9.76 -10.04
CA LEU B 158 1.73 -8.77 -10.67
C LEU B 158 2.60 -9.30 -11.81
N ALA B 159 3.05 -10.55 -11.70
CA ALA B 159 3.90 -11.13 -12.74
C ALA B 159 3.10 -12.10 -13.61
C2 BGC C . -27.40 19.02 -15.55
C3 BGC C . -25.98 19.54 -15.72
C4 BGC C . -25.90 20.51 -16.90
C5 BGC C . -26.95 21.59 -16.72
C6 BGC C . -26.89 22.57 -17.90
C1 BGC C . -28.37 20.19 -15.45
O1 BGC C . -29.71 19.70 -15.33
O2 BGC C . -27.48 18.24 -14.36
O3 BGC C . -25.08 18.44 -15.94
O4 BGC C . -24.59 21.11 -16.90
O5 BGC C . -28.26 21.00 -16.63
O6 BGC C . -27.16 21.86 -19.12
C1 GAL C . -23.92 20.96 -18.16
C2 GAL C . -22.63 21.76 -18.03
C3 GAL C . -21.74 21.58 -19.26
C4 GAL C . -21.52 20.10 -19.50
C5 GAL C . -22.87 19.40 -19.58
C6 GAL C . -22.64 17.89 -19.79
O2 GAL C . -22.96 23.15 -17.88
O3 GAL C . -20.49 22.23 -18.95
O4 GAL C . -20.83 19.56 -18.37
O5 GAL C . -23.60 19.57 -18.36
O6 GAL C . -21.85 17.67 -20.96
C1 NGA C . -19.48 19.20 -18.72
C2 NGA C . -18.68 19.14 -17.42
C3 NGA C . -17.24 18.68 -17.68
C4 NGA C . -17.31 17.34 -18.42
C5 NGA C . -18.17 17.46 -19.68
C6 NGA C . -18.27 16.10 -20.35
C7 NGA C . -19.52 20.79 -15.83
C8 NGA C . -19.39 22.21 -15.27
N2 NGA C . -18.66 20.47 -16.79
O3 NGA C . -16.56 18.57 -16.43
O4 NGA C . -17.88 16.35 -17.57
O5 NGA C . -19.49 17.89 -19.31
O6 NGA C . -19.17 16.17 -21.47
O7 NGA C . -20.38 20.02 -15.40
C1 GAL C . -15.14 18.46 -16.59
C2 GAL C . -14.50 19.10 -15.35
C3 GAL C . -12.98 18.96 -15.40
C4 GAL C . -12.60 17.49 -15.61
C5 GAL C . -13.33 16.95 -16.85
C6 GAL C . -12.97 15.48 -17.02
O2 GAL C . -14.85 20.49 -15.27
O3 GAL C . -12.41 19.43 -14.17
O4 GAL C . -13.00 16.73 -14.46
O5 GAL C . -14.76 17.09 -16.66
O6 GAL C . -13.59 14.96 -18.21
C1 SIA C . -18.45 23.21 -19.71
C2 SIA C . -19.86 22.78 -20.11
C3 SIA C . -20.65 24.01 -20.59
C4 SIA C . -19.98 24.58 -21.83
C5 SIA C . -19.83 23.49 -22.89
C6 SIA C . -19.09 22.30 -22.29
C7 SIA C . -18.90 21.19 -23.33
C8 SIA C . -18.24 19.96 -22.69
C9 SIA C . -17.95 18.88 -23.73
C10 SIA C . -19.66 24.21 -25.23
C11 SIA C . -18.74 24.75 -26.32
N5 SIA C . -19.09 24.01 -24.05
O1A SIA C . -18.31 24.35 -19.23
O1B SIA C . -17.53 22.37 -19.89
O4 SIA C . -20.76 25.66 -22.35
O6 SIA C . -19.81 21.81 -21.15
O7 SIA C . -20.17 20.82 -23.88
O8 SIA C . -17.03 20.36 -22.03
O9 SIA C . -17.36 17.75 -23.08
O10 SIA C . -20.85 23.97 -25.46
C2 BGC D . 21.42 -11.99 28.09
C3 BGC D . 20.35 -12.66 27.22
C4 BGC D . 20.46 -14.19 27.33
C5 BGC D . 20.44 -14.58 28.80
C6 BGC D . 20.58 -16.10 28.97
C1 BGC D . 21.30 -12.50 29.52
O1 BGC D . 22.28 -11.87 30.35
O2 BGC D . 21.20 -10.58 28.07
O3 BGC D . 20.54 -12.28 25.85
O4 BGC D . 19.34 -14.74 26.64
O5 BGC D . 21.49 -13.93 29.52
O6 BGC D . 21.84 -16.53 28.45
C1 GAL D . 19.60 -16.05 26.10
C2 GAL D . 18.24 -16.71 25.92
C3 GAL D . 18.34 -18.03 25.14
C4 GAL D . 19.07 -17.74 23.84
C5 GAL D . 20.44 -17.17 24.20
C6 GAL D . 21.34 -17.08 22.97
O2 GAL D . 17.66 -16.97 27.20
O3 GAL D . 17.02 -18.51 24.90
O4 GAL D . 18.33 -16.76 23.11
O5 GAL D . 20.28 -15.90 24.84
O6 GAL D . 20.71 -16.27 21.97
C1 NGA D . 17.68 -17.32 21.97
C2 NGA D . 16.34 -16.60 21.77
C3 NGA D . 15.66 -17.10 20.50
C4 NGA D . 16.61 -16.95 19.31
C5 NGA D . 17.92 -17.67 19.63
C6 NGA D . 18.90 -17.52 18.47
C7 NGA D . 15.22 -16.03 23.90
C8 NGA D . 14.27 -16.53 24.97
N2 NGA D . 15.45 -16.89 22.90
O3 NGA D . 14.43 -16.37 20.33
O4 NGA D . 16.87 -15.56 19.09
O5 NGA D . 18.51 -17.11 20.82
O6 NGA D . 20.11 -18.23 18.77
O7 NGA D . 15.73 -14.91 23.97
C1 GAL D . 13.59 -16.95 19.32
C2 GAL D . 12.16 -16.52 19.67
C3 GAL D . 11.18 -16.95 18.58
C4 GAL D . 11.67 -16.43 17.23
C5 GAL D . 13.10 -16.91 16.99
C6 GAL D . 13.60 -16.39 15.65
O2 GAL D . 11.77 -17.08 20.93
O3 GAL D . 9.88 -16.42 18.87
O4 GAL D . 11.64 -15.01 17.25
O5 GAL D . 13.96 -16.43 18.04
O6 GAL D . 14.93 -16.85 15.40
C1 SIA D . 15.60 -20.35 24.25
C2 SIA D . 17.00 -19.93 24.73
C3 SIA D . 17.31 -20.60 26.07
C4 SIA D . 17.29 -22.13 25.87
C5 SIA D . 18.28 -22.50 24.76
C6 SIA D . 17.95 -21.72 23.48
C7 SIA D . 18.98 -22.04 22.40
C8 SIA D . 18.75 -21.19 21.15
C9 SIA D . 19.76 -21.54 20.05
C10 SIA D . 19.17 -24.78 24.85
C11 SIA D . 18.93 -26.25 24.50
N5 SIA D . 18.20 -23.94 24.49
O1A SIA D . 14.73 -20.49 25.13
O1B SIA D . 15.45 -20.50 23.03
O4 SIA D . 17.68 -22.77 27.09
O6 SIA D . 17.98 -20.31 23.75
O7 SIA D . 20.29 -21.78 22.91
O8 SIA D . 17.42 -21.40 20.67
O9 SIA D . 19.51 -20.73 18.90
O10 SIA D . 20.22 -24.42 25.40
#